data_7GSD
#
_entry.id   7GSD
#
_cell.length_a   90.181
_cell.length_b   90.181
_cell.length_c   107.060
_cell.angle_alpha   90.000
_cell.angle_beta   90.000
_cell.angle_gamma   120.000
#
_symmetry.space_group_name_H-M   'P 31 2 1'
#
loop_
_entity.id
_entity.type
_entity.pdbx_description
1 polymer 'Tyrosine-protein phosphatase non-receptor type 1'
2 non-polymer 2-AMINO-2-HYDROXYMETHYL-PROPANE-1,3-DIOL
3 non-polymer 4-(5-amino-1,3,4-thiadiazol-2-yl)phenol
4 water water
#
_entity_poly.entity_id   1
_entity_poly.type   'polypeptide(L)'
_entity_poly.pdbx_seq_one_letter_code
;MEMEKEFEQIDKSGSWAAIYQDIRHEASDFPSRVAKLPKNKNRNRYRDVSPFDHSRIKLHQEDNDYINASLIKMEEAQRS
YILTQGPLPNTVGHFWEMVWEQKSRGVVMLNRVMEKGSLKCAQYWPQKEEKEMIFEDTNLKLTLISEDIKSYYTVRQLEL
ENLTTQETREILHFHYTTWPDFGVPESPASFLNFLFKVRESGSLSPEHGPVVVHCSAGIGRSGTFCLADTCLLLMDKRKD
PSSVDIKKVLLEMRKFRMGLIQTADQLRFSYLAVIEGAKFIMGDSSVQDQWKELSHEDLEPPPEHIPPPPRPPKRILEPH
N
;
_entity_poly.pdbx_strand_id   A
#
loop_
_chem_comp.id
_chem_comp.type
_chem_comp.name
_chem_comp.formula
GVY non-polymer 4-(5-amino-1,3,4-thiadiazol-2-yl)phenol 'C8 H7 N3 O S'
TRS non-polymer 2-AMINO-2-HYDROXYMETHYL-PROPANE-1,3-DIOL 'C4 H12 N O3 1'
#
# COMPACT_ATOMS: atom_id res chain seq x y z
N MET A 1 7.46 -21.48 -15.68
CA MET A 1 6.16 -22.24 -15.78
C MET A 1 5.00 -21.25 -15.80
N GLU A 2 4.29 -21.15 -16.93
CA GLU A 2 3.02 -20.37 -17.06
C GLU A 2 2.30 -20.45 -15.71
N MET A 3 2.01 -19.29 -15.10
CA MET A 3 1.46 -19.21 -13.72
C MET A 3 0.02 -19.77 -13.68
N GLU A 4 -0.75 -19.64 -14.77
CA GLU A 4 -2.12 -20.21 -14.91
C GLU A 4 -2.13 -21.73 -14.73
N LYS A 5 -1.06 -22.43 -15.15
CA LYS A 5 -0.93 -23.90 -15.02
C LYS A 5 -0.45 -24.19 -13.60
N GLU A 6 0.58 -23.49 -13.13
CA GLU A 6 1.08 -23.56 -11.73
C GLU A 6 -0.13 -23.40 -10.78
N PHE A 7 -1.11 -22.56 -11.16
CA PHE A 7 -2.29 -22.19 -10.33
C PHE A 7 -3.22 -23.39 -10.16
N GLU A 8 -3.61 -24.00 -11.29
CA GLU A 8 -4.50 -25.18 -11.32
C GLU A 8 -3.81 -26.35 -10.58
N GLN A 9 -2.51 -26.53 -10.79
CA GLN A 9 -1.67 -27.58 -10.13
C GLN A 9 -1.69 -27.39 -8.60
N ILE A 10 -1.61 -26.16 -8.10
CA ILE A 10 -1.63 -25.88 -6.63
C ILE A 10 -3.08 -26.10 -6.15
N ASP A 11 -4.06 -25.63 -6.93
CA ASP A 11 -5.50 -25.67 -6.55
C ASP A 11 -5.92 -27.14 -6.48
N LYS A 12 -5.71 -27.89 -7.55
CA LYS A 12 -6.11 -29.33 -7.58
C LYS A 12 -5.43 -30.08 -6.41
N SER A 13 -4.18 -29.75 -6.07
CA SER A 13 -3.42 -30.45 -4.99
C SER A 13 -3.77 -29.89 -3.61
N GLY A 14 -4.52 -28.78 -3.53
CA GLY A 14 -4.77 -28.01 -2.30
C GLY A 14 -3.49 -27.73 -1.51
N SER A 15 -2.46 -27.16 -2.13
CA SER A 15 -1.17 -26.94 -1.43
C SER A 15 -0.92 -25.44 -1.14
N TRP A 16 -1.96 -24.61 -1.14
CA TRP A 16 -1.75 -23.13 -0.98
C TRP A 16 -0.99 -22.88 0.32
N ALA A 17 -1.38 -23.55 1.41
CA ALA A 17 -0.78 -23.37 2.74
C ALA A 17 0.71 -23.74 2.73
N ALA A 18 1.07 -24.82 2.04
CA ALA A 18 2.48 -25.26 1.87
C ALA A 18 3.33 -24.26 1.05
N ILE A 19 2.84 -23.74 -0.07
CA ILE A 19 3.57 -22.70 -0.87
C ILE A 19 3.82 -21.48 0.04
N TYR A 20 2.78 -21.05 0.75
CA TYR A 20 2.80 -19.79 1.55
C TYR A 20 3.84 -19.93 2.65
N GLN A 21 3.88 -21.09 3.33
CA GLN A 21 4.89 -21.31 4.39
C GLN A 21 6.31 -21.31 3.82
N ASP A 22 6.54 -21.81 2.60
CA ASP A 22 7.87 -21.81 1.91
C ASP A 22 8.37 -20.35 1.76
N ILE A 23 7.49 -19.46 1.29
CA ILE A 23 7.75 -18.00 1.21
C ILE A 23 8.15 -17.45 2.59
N ARG A 24 7.35 -17.72 3.61
CA ARG A 24 7.62 -17.20 4.97
C ARG A 24 9.02 -17.64 5.43
N HIS A 25 9.37 -18.89 5.15
CA HIS A 25 10.68 -19.50 5.51
C HIS A 25 11.86 -18.85 4.77
N GLU A 26 11.70 -18.47 3.49
CA GLU A 26 12.85 -17.95 2.68
C GLU A 26 12.96 -16.42 2.76
N ALA A 27 11.94 -15.75 3.29
CA ALA A 27 11.85 -14.27 3.32
C ALA A 27 13.02 -13.70 4.09
N SER A 28 13.50 -12.55 3.66
CA SER A 28 14.60 -11.77 4.25
C SER A 28 14.32 -11.45 5.71
N ASP A 29 15.39 -11.33 6.51
CA ASP A 29 15.30 -10.80 7.87
C ASP A 29 16.39 -9.74 8.04
N PHE A 30 15.98 -8.50 8.32
CA PHE A 30 16.89 -7.35 8.45
C PHE A 30 16.52 -6.67 9.76
N PRO A 31 17.44 -5.92 10.37
CA PRO A 31 17.14 -5.21 11.59
C PRO A 31 16.09 -4.09 11.42
N SER A 32 15.26 -3.94 12.45
CA SER A 32 14.28 -2.83 12.68
C SER A 32 14.56 -2.16 14.02
N ARG A 33 15.80 -1.73 14.26
CA ARG A 33 16.17 -1.18 15.60
C ARG A 33 15.46 0.14 15.87
N VAL A 34 15.33 1.03 14.89
CA VAL A 34 14.70 2.37 15.14
C VAL A 34 13.23 2.16 15.58
N ALA A 35 12.51 1.23 14.94
CA ALA A 35 11.07 0.96 15.19
C ALA A 35 10.88 0.50 16.64
N LYS A 36 11.85 -0.25 17.19
CA LYS A 36 11.75 -0.81 18.57
C LYS A 36 12.28 0.16 19.64
N LEU A 37 12.77 1.36 19.33
CA LEU A 37 13.16 2.32 20.41
C LEU A 37 11.93 2.63 21.27
N PRO A 38 12.11 2.75 22.60
CA PRO A 38 11.00 3.08 23.49
C PRO A 38 10.27 4.39 23.14
N LYS A 39 10.96 5.42 22.64
CA LYS A 39 10.34 6.72 22.27
C LYS A 39 9.34 6.49 21.12
N ASN A 40 9.35 5.34 20.42
CA ASN A 40 8.51 5.14 19.20
C ASN A 40 7.35 4.21 19.47
N LYS A 41 7.12 3.81 20.73
CA LYS A 41 6.13 2.74 20.97
C LYS A 41 4.70 3.21 20.54
N ASN A 42 4.38 4.48 20.72
CA ASN A 42 3.05 5.04 20.35
C ASN A 42 3.03 5.42 18.85
N ARG A 43 4.07 5.11 18.06
CA ARG A 43 4.08 5.39 16.59
C ARG A 43 3.79 4.09 15.84
N ASN A 44 3.61 2.98 16.54
CA ASN A 44 3.43 1.64 15.91
C ASN A 44 2.09 1.07 16.28
N ARG A 45 1.33 0.64 15.28
CA ARG A 45 -0.03 0.12 15.49
C ARG A 45 0.08 -1.31 16.01
N TYR A 46 0.97 -2.13 15.44
CA TYR A 46 1.15 -3.57 15.77
C TYR A 46 2.61 -3.79 16.16
N ARG A 47 2.81 -4.47 17.28
CA ARG A 47 4.15 -4.78 17.85
C ARG A 47 4.96 -5.68 16.88
N ASP A 48 4.29 -6.52 16.09
CA ASP A 48 4.98 -7.50 15.21
C ASP A 48 5.13 -6.98 13.76
N VAL A 49 4.83 -5.70 13.47
CA VAL A 49 4.91 -5.14 12.08
C VAL A 49 5.73 -3.86 12.18
N SER A 50 6.98 -3.92 11.71
CA SER A 50 7.95 -2.81 11.76
C SER A 50 8.62 -2.68 10.41
N PRO A 51 9.00 -1.44 10.06
CA PRO A 51 9.83 -1.19 8.88
C PRO A 51 11.31 -1.53 9.18
N PHE A 52 11.98 -2.20 8.24
CA PHE A 52 13.47 -2.40 8.29
C PHE A 52 14.17 -1.05 8.33
N ASP A 53 15.29 -0.98 9.06
CA ASP A 53 16.09 0.24 9.11
C ASP A 53 16.57 0.63 7.70
N HIS A 54 16.99 -0.29 6.86
CA HIS A 54 17.65 0.10 5.58
C HIS A 54 16.65 0.77 4.62
N SER A 55 15.35 0.48 4.71
CA SER A 55 14.35 0.93 3.69
C SER A 55 13.30 1.88 4.32
N ARG A 56 13.45 2.26 5.58
CA ARG A 56 12.37 3.04 6.26
C ARG A 56 12.32 4.44 5.66
N ILE A 57 11.12 5.04 5.61
CA ILE A 57 11.00 6.49 5.28
C ILE A 57 11.35 7.32 6.50
N LYS A 58 12.21 8.33 6.30
CA LYS A 58 12.56 9.31 7.35
C LYS A 58 11.81 10.63 7.16
N LEU A 59 11.19 11.07 8.23
CA LEU A 59 10.60 12.44 8.33
C LEU A 59 11.73 13.47 8.40
N HIS A 60 11.53 14.63 7.76
CA HIS A 60 12.57 15.70 7.67
C HIS A 60 12.40 16.60 8.88
N GLN A 61 12.78 16.12 10.05
CA GLN A 61 12.77 16.92 11.28
C GLN A 61 13.74 16.29 12.27
N GLU A 62 14.45 17.14 13.00
CA GLU A 62 15.60 16.78 13.89
C GLU A 62 15.07 16.08 15.15
N ASP A 63 13.89 16.48 15.62
CA ASP A 63 13.19 15.95 16.82
C ASP A 63 13.20 14.41 16.77
N ASN A 64 12.33 13.81 15.95
CA ASN A 64 12.15 12.34 15.83
C ASN A 64 11.76 12.06 14.40
N ASP A 65 12.57 11.32 13.64
CA ASP A 65 12.37 11.17 12.18
C ASP A 65 11.56 9.90 11.88
N TYR A 66 10.96 9.27 12.90
CA TYR A 66 10.44 7.90 12.72
C TYR A 66 8.94 7.93 12.26
N ILE A 67 8.63 7.09 11.25
CA ILE A 67 7.23 6.70 10.89
C ILE A 67 7.26 5.24 10.47
N ASN A 68 6.20 4.52 10.75
CA ASN A 68 6.03 3.12 10.29
C ASN A 68 5.67 3.10 8.80
N ALA A 69 6.71 3.21 7.96
CA ALA A 69 6.59 3.30 6.50
C ALA A 69 7.88 2.82 5.83
N SER A 70 7.74 2.11 4.70
CA SER A 70 8.90 1.56 3.93
C SER A 70 8.82 1.97 2.46
N LEU A 71 9.98 2.17 1.84
CA LEU A 71 10.13 2.38 0.38
C LEU A 71 10.39 1.06 -0.32
N ILE A 72 9.45 0.59 -1.11
CA ILE A 72 9.61 -0.62 -1.95
C ILE A 72 10.09 -0.14 -3.34
N LYS A 73 11.35 -0.46 -3.74
CA LYS A 73 11.92 0.03 -5.01
C LYS A 73 12.12 -1.14 -5.98
N MET A 74 11.28 -1.24 -7.03
CA MET A 74 11.30 -2.42 -7.94
C MET A 74 12.15 -2.01 -9.18
N GLU A 75 13.40 -2.46 -9.22
CA GLU A 75 14.43 -1.96 -10.19
C GLU A 75 14.05 -2.31 -11.63
N GLU A 76 13.73 -3.55 -11.94
CA GLU A 76 13.40 -3.98 -13.32
C GLU A 76 12.06 -3.39 -13.79
N ALA A 77 11.05 -3.37 -12.92
CA ALA A 77 9.73 -2.80 -13.29
C ALA A 77 9.79 -1.27 -13.36
N GLN A 78 10.80 -0.61 -12.75
CA GLN A 78 10.89 0.87 -12.70
C GLN A 78 9.65 1.45 -12.01
N ARG A 79 9.26 0.90 -10.86
CA ARG A 79 8.17 1.43 -10.00
C ARG A 79 8.67 1.50 -8.56
N SER A 80 8.26 2.53 -7.82
CA SER A 80 8.48 2.68 -6.36
C SER A 80 7.11 2.83 -5.66
N TYR A 81 6.99 2.29 -4.46
CA TYR A 81 5.76 2.42 -3.64
C TYR A 81 6.21 2.70 -2.22
N ILE A 82 5.48 3.55 -1.48
CA ILE A 82 5.61 3.61 -0.01
C ILE A 82 4.47 2.79 0.58
N LEU A 83 4.80 1.74 1.36
CA LEU A 83 3.77 0.99 2.14
C LEU A 83 3.84 1.41 3.61
N THR A 84 2.69 1.81 4.18
CA THR A 84 2.63 2.30 5.57
C THR A 84 1.42 1.69 6.28
N GLN A 85 1.38 1.82 7.57
CA GLN A 85 0.24 1.38 8.40
C GLN A 85 -0.87 2.44 8.29
N GLY A 86 -2.10 2.06 8.62
CA GLY A 86 -3.16 3.08 8.80
C GLY A 86 -2.75 4.04 9.91
N PRO A 87 -2.82 5.37 9.72
CA PRO A 87 -2.36 6.30 10.73
C PRO A 87 -3.14 6.15 12.05
N LEU A 88 -2.41 6.43 13.13
CA LEU A 88 -2.89 6.47 14.52
C LEU A 88 -3.26 7.92 14.87
N PRO A 89 -4.08 8.10 15.94
CA PRO A 89 -4.43 9.45 16.40
C PRO A 89 -3.21 10.34 16.61
N ASN A 90 -2.09 9.80 17.09
CA ASN A 90 -0.92 10.68 17.27
C ASN A 90 0.04 10.67 16.04
N THR A 91 -0.26 9.96 14.95
CA THR A 91 0.61 10.00 13.74
C THR A 91 -0.08 10.58 12.50
N VAL A 92 -1.29 11.16 12.61
CA VAL A 92 -1.94 11.72 11.38
C VAL A 92 -1.11 12.87 10.82
N GLY A 93 -0.51 13.70 11.68
CA GLY A 93 0.34 14.80 11.21
C GLY A 93 1.63 14.31 10.52
N HIS A 94 2.22 13.25 11.05
CA HIS A 94 3.43 12.58 10.45
C HIS A 94 3.08 12.05 9.07
N PHE A 95 1.92 11.41 8.97
CA PHE A 95 1.46 10.83 7.68
C PHE A 95 1.48 11.92 6.58
N TRP A 96 0.84 13.09 6.85
CA TRP A 96 0.69 14.12 5.80
C TRP A 96 2.04 14.80 5.59
N GLU A 97 2.86 14.88 6.64
CA GLU A 97 4.25 15.37 6.49
C GLU A 97 5.00 14.48 5.46
N MET A 98 4.91 13.15 5.61
CA MET A 98 5.54 12.20 4.67
C MET A 98 5.02 12.45 3.25
N VAL A 99 3.69 12.52 3.07
CA VAL A 99 3.10 12.76 1.71
C VAL A 99 3.72 14.02 1.10
N TRP A 100 3.85 15.09 1.89
CA TRP A 100 4.41 16.39 1.44
C TRP A 100 5.90 16.19 1.04
N GLU A 101 6.69 15.65 1.98
CA GLU A 101 8.18 15.55 1.81
C GLU A 101 8.55 14.62 0.66
N GLN A 102 7.80 13.54 0.43
CA GLN A 102 8.13 12.55 -0.61
C GLN A 102 7.55 12.95 -1.98
N LYS A 103 6.74 14.03 -2.06
CA LYS A 103 6.12 14.56 -3.31
C LYS A 103 5.15 13.60 -3.94
N SER A 104 4.47 12.78 -3.13
CA SER A 104 3.45 11.86 -3.61
C SER A 104 2.28 12.66 -4.23
N ARG A 105 1.68 12.08 -5.24
CA ARG A 105 0.46 12.59 -5.96
C ARG A 105 -0.78 11.86 -5.41
N GLY A 106 -0.67 10.59 -5.03
CA GLY A 106 -1.80 9.70 -4.71
C GLY A 106 -1.61 9.02 -3.37
N VAL A 107 -2.70 8.80 -2.66
CA VAL A 107 -2.82 7.96 -1.44
C VAL A 107 -3.82 6.87 -1.78
N VAL A 108 -3.44 5.59 -1.63
CA VAL A 108 -4.30 4.42 -1.83
C VAL A 108 -4.65 3.80 -0.47
N MET A 109 -5.95 3.75 -0.16
CA MET A 109 -6.51 3.19 1.11
C MET A 109 -7.34 1.94 0.81
N LEU A 110 -7.01 0.77 1.42
CA LEU A 110 -7.64 -0.52 1.06
C LEU A 110 -8.53 -1.03 2.22
N ASN A 111 -8.75 -0.22 3.24
CA ASN A 111 -9.54 -0.63 4.44
C ASN A 111 -10.63 0.41 4.74
N ARG A 112 -11.60 0.05 5.61
CA ARG A 112 -12.57 1.00 6.19
C ARG A 112 -12.03 1.39 7.56
N VAL A 113 -12.40 2.60 8.02
CA VAL A 113 -12.01 3.14 9.34
C VAL A 113 -12.48 2.18 10.45
N MET A 114 -13.69 1.63 10.36
CA MET A 114 -14.15 0.56 11.28
C MET A 114 -14.36 -0.75 10.52
N GLU A 115 -13.78 -1.85 11.00
CA GLU A 115 -14.08 -3.21 10.46
C GLU A 115 -14.16 -4.17 11.67
N LYS A 116 -15.02 -5.17 11.59
CA LYS A 116 -15.19 -6.17 12.70
C LYS A 116 -15.49 -5.46 14.02
N GLY A 117 -16.16 -4.31 13.98
CA GLY A 117 -16.54 -3.56 15.20
C GLY A 117 -15.40 -2.87 15.93
N SER A 118 -14.21 -2.72 15.32
CA SER A 118 -13.03 -2.09 15.94
C SER A 118 -12.45 -1.04 15.00
N LEU A 119 -11.72 -0.08 15.52
CA LEU A 119 -11.11 0.97 14.67
C LEU A 119 -9.81 0.43 14.05
N LYS A 120 -9.71 0.48 12.72
CA LYS A 120 -8.53 0.00 11.98
C LYS A 120 -7.58 1.14 11.58
N CYS A 121 -8.06 2.40 11.56
CA CYS A 121 -7.22 3.59 11.29
C CYS A 121 -8.01 4.86 11.63
N ALA A 122 -7.28 5.91 11.93
CA ALA A 122 -7.80 7.24 12.30
C ALA A 122 -8.58 7.84 11.11
N GLN A 123 -9.57 8.71 11.39
CA GLN A 123 -10.29 9.50 10.35
C GLN A 123 -9.34 10.64 9.97
N TYR A 124 -8.46 10.43 8.99
CA TYR A 124 -7.26 11.26 8.75
C TYR A 124 -7.49 12.28 7.61
N TRP A 125 -8.71 12.32 7.01
CA TRP A 125 -9.03 13.31 5.94
C TRP A 125 -10.39 13.91 6.24
N PRO A 126 -10.67 15.13 5.72
CA PRO A 126 -11.95 15.82 6.02
C PRO A 126 -13.10 15.24 5.21
N GLN A 127 -14.27 15.22 5.84
CA GLN A 127 -15.46 14.58 5.26
C GLN A 127 -16.40 15.64 4.67
N LYS A 128 -16.22 16.90 5.02
CA LYS A 128 -17.03 18.04 4.45
C LYS A 128 -16.14 19.14 3.95
N GLU A 129 -16.52 19.71 2.79
CA GLU A 129 -15.77 20.81 2.14
C GLU A 129 -15.48 21.93 3.14
N GLU A 130 -16.52 22.34 3.88
CA GLU A 130 -16.39 23.57 4.71
C GLU A 130 -15.76 23.27 6.08
N LYS A 131 -15.36 22.04 6.41
CA LYS A 131 -14.67 21.72 7.71
C LYS A 131 -13.26 21.15 7.43
N GLU A 132 -12.30 22.00 7.18
CA GLU A 132 -10.92 21.61 6.86
C GLU A 132 -10.23 21.09 8.11
N MET A 133 -9.09 20.38 7.94
CA MET A 133 -8.30 19.84 9.07
C MET A 133 -6.97 20.57 9.10
N ILE A 134 -6.54 20.92 10.29
CA ILE A 134 -5.21 21.55 10.51
C ILE A 134 -4.42 20.59 11.42
N PHE A 135 -3.20 20.25 11.01
CA PHE A 135 -2.24 19.42 11.79
C PHE A 135 -1.21 20.38 12.38
N GLU A 136 -1.34 20.72 13.67
CA GLU A 136 -0.51 21.82 14.25
C GLU A 136 0.92 21.35 14.46
N ASP A 137 1.12 20.06 14.77
CA ASP A 137 2.47 19.50 15.04
C ASP A 137 3.33 19.60 13.76
N THR A 138 2.77 19.44 12.55
CA THR A 138 3.55 19.45 11.26
C THR A 138 3.21 20.67 10.39
N ASN A 139 2.34 21.57 10.85
CA ASN A 139 2.06 22.85 10.13
C ASN A 139 1.48 22.59 8.73
N LEU A 140 0.47 21.73 8.60
CA LEU A 140 -0.21 21.42 7.31
C LEU A 140 -1.72 21.71 7.45
N LYS A 141 -2.35 22.07 6.33
CA LYS A 141 -3.83 22.18 6.21
C LYS A 141 -4.30 21.30 5.06
N LEU A 142 -5.41 20.61 5.28
CA LEU A 142 -5.98 19.64 4.32
C LEU A 142 -7.48 20.01 4.15
N THR A 143 -7.89 20.20 2.91
CA THR A 143 -9.29 20.53 2.52
C THR A 143 -9.84 19.51 1.54
N LEU A 144 -11.07 19.06 1.77
CA LEU A 144 -11.81 18.27 0.77
C LEU A 144 -12.29 19.19 -0.35
N ILE A 145 -11.91 18.87 -1.59
CA ILE A 145 -12.25 19.67 -2.80
C ILE A 145 -13.46 19.04 -3.48
N SER A 146 -13.50 17.74 -3.63
CA SER A 146 -14.60 17.01 -4.30
C SER A 146 -14.51 15.54 -3.92
N GLU A 147 -15.57 14.82 -4.20
CA GLU A 147 -15.75 13.40 -3.78
C GLU A 147 -16.58 12.74 -4.88
N ASP A 148 -16.13 11.61 -5.43
CA ASP A 148 -16.87 10.78 -6.42
C ASP A 148 -17.06 9.38 -5.84
N ILE A 149 -18.27 9.07 -5.36
CA ILE A 149 -18.59 7.78 -4.68
C ILE A 149 -19.14 6.78 -5.67
N LYS A 150 -18.46 5.65 -5.87
CA LYS A 150 -18.91 4.59 -6.78
C LYS A 150 -19.19 3.35 -5.96
N SER A 151 -19.54 2.26 -6.63
CA SER A 151 -20.07 1.04 -5.96
C SER A 151 -18.95 0.30 -5.23
N TYR A 152 -17.73 0.31 -5.75
CA TYR A 152 -16.62 -0.50 -5.18
C TYR A 152 -15.51 0.41 -4.62
N TYR A 153 -15.51 1.71 -4.94
CA TYR A 153 -14.46 2.64 -4.50
C TYR A 153 -14.98 4.06 -4.58
N THR A 154 -14.30 4.93 -3.87
CA THR A 154 -14.50 6.40 -3.82
C THR A 154 -13.20 7.09 -4.20
N VAL A 155 -13.26 8.12 -5.05
CA VAL A 155 -12.10 8.97 -5.37
C VAL A 155 -12.34 10.35 -4.83
N ARG A 156 -11.41 10.87 -4.08
CA ARG A 156 -11.49 12.23 -3.51
C ARG A 156 -10.35 13.09 -4.04
N GLN A 157 -10.65 14.35 -4.34
CA GLN A 157 -9.66 15.42 -4.57
C GLN A 157 -9.44 16.19 -3.28
N LEU A 158 -8.19 16.26 -2.79
CA LEU A 158 -7.80 16.97 -1.57
C LEU A 158 -6.80 18.05 -1.95
N GLU A 159 -6.78 19.13 -1.18
CA GLU A 159 -5.77 20.20 -1.24
C GLU A 159 -4.96 20.18 0.03
N LEU A 160 -3.65 19.93 -0.09
CA LEU A 160 -2.70 19.96 1.03
C LEU A 160 -1.88 21.23 0.92
N GLU A 161 -1.83 21.98 2.00
CA GLU A 161 -1.14 23.28 2.06
C GLU A 161 -0.07 23.24 3.13
N ASN A 162 1.14 23.59 2.71
CA ASN A 162 2.29 23.72 3.63
C ASN A 162 2.19 25.11 4.23
N LEU A 163 1.69 25.22 5.47
CA LEU A 163 1.34 26.54 6.08
C LEU A 163 2.61 27.41 6.25
N THR A 164 3.79 26.78 6.19
CA THR A 164 5.10 27.44 6.40
C THR A 164 5.47 28.27 5.17
N THR A 165 5.17 27.78 3.97
CA THR A 165 5.53 28.38 2.66
C THR A 165 4.28 28.82 1.88
N GLN A 166 3.09 28.37 2.27
CA GLN A 166 1.82 28.68 1.55
C GLN A 166 1.82 28.03 0.17
N GLU A 167 2.70 27.06 -0.09
CA GLU A 167 2.55 26.19 -1.29
C GLU A 167 1.35 25.26 -1.08
N THR A 168 0.65 24.92 -2.16
CA THR A 168 -0.47 23.94 -2.16
C THR A 168 -0.20 22.91 -3.24
N ARG A 169 -0.72 21.70 -3.03
CA ARG A 169 -0.70 20.60 -4.01
C ARG A 169 -2.04 19.91 -3.97
N GLU A 170 -2.41 19.37 -5.10
CA GLU A 170 -3.59 18.50 -5.25
C GLU A 170 -3.12 17.06 -4.95
N ILE A 171 -3.76 16.38 -4.00
CA ILE A 171 -3.55 14.93 -3.69
C ILE A 171 -4.82 14.19 -4.08
N LEU A 172 -4.72 13.08 -4.79
CA LEU A 172 -5.85 12.20 -5.06
C LEU A 172 -5.89 11.07 -4.00
N HIS A 173 -7.04 10.83 -3.41
CA HIS A 173 -7.31 9.74 -2.43
C HIS A 173 -8.14 8.67 -3.10
N PHE A 174 -7.56 7.50 -3.33
CA PHE A 174 -8.21 6.34 -3.94
C PHE A 174 -8.57 5.37 -2.82
N HIS A 175 -9.87 5.24 -2.54
CA HIS A 175 -10.37 4.50 -1.35
C HIS A 175 -11.15 3.28 -1.82
N TYR A 176 -10.57 2.09 -1.73
CA TYR A 176 -11.25 0.82 -2.05
C TYR A 176 -12.11 0.41 -0.84
N THR A 177 -13.43 0.43 -0.98
CA THR A 177 -14.36 0.41 0.21
C THR A 177 -15.04 -0.93 0.42
N THR A 178 -14.84 -1.93 -0.43
CA THR A 178 -15.65 -3.17 -0.42
C THR A 178 -14.81 -4.42 -0.14
N TRP A 179 -13.56 -4.31 0.34
CA TRP A 179 -12.87 -5.56 0.71
C TRP A 179 -13.64 -6.17 1.91
N PRO A 180 -13.98 -7.47 1.90
CA PRO A 180 -14.77 -8.04 3.01
C PRO A 180 -14.04 -8.15 4.35
N ASP A 181 -14.80 -8.11 5.46
CA ASP A 181 -14.26 -8.14 6.84
C ASP A 181 -13.42 -9.42 7.04
N PHE A 182 -13.85 -10.55 6.47
CA PHE A 182 -13.11 -11.85 6.50
C PHE A 182 -12.79 -12.32 5.06
N GLY A 183 -11.67 -13.01 4.89
CA GLY A 183 -11.33 -13.62 3.59
C GLY A 183 -10.90 -12.57 2.56
N VAL A 184 -11.05 -12.92 1.30
CA VAL A 184 -10.63 -12.07 0.13
C VAL A 184 -11.81 -11.96 -0.79
N PRO A 185 -11.84 -11.03 -1.78
CA PRO A 185 -12.96 -10.96 -2.70
C PRO A 185 -13.08 -12.27 -3.52
N GLU A 186 -14.28 -12.58 -3.98
CA GLU A 186 -14.52 -13.84 -4.74
C GLU A 186 -13.97 -13.70 -6.15
N SER A 187 -14.20 -12.56 -6.78
CA SER A 187 -13.66 -12.16 -8.11
C SER A 187 -12.66 -11.00 -7.98
N PRO A 188 -11.56 -10.97 -8.78
CA PRO A 188 -10.61 -9.86 -8.73
C PRO A 188 -11.02 -8.69 -9.61
N ALA A 189 -12.21 -8.76 -10.21
CA ALA A 189 -12.62 -7.81 -11.24
C ALA A 189 -12.63 -6.39 -10.66
N SER A 190 -13.23 -6.17 -9.52
CA SER A 190 -13.38 -4.80 -8.99
C SER A 190 -12.01 -4.28 -8.48
N PHE A 191 -11.18 -5.12 -7.91
CA PHE A 191 -9.79 -4.77 -7.47
C PHE A 191 -8.95 -4.35 -8.69
N LEU A 192 -8.99 -5.11 -9.81
CA LEU A 192 -8.26 -4.74 -11.08
C LEU A 192 -8.81 -3.43 -11.63
N ASN A 193 -10.15 -3.29 -11.73
CA ASN A 193 -10.71 -1.98 -12.15
C ASN A 193 -10.11 -0.82 -11.33
N PHE A 194 -10.02 -0.99 -10.02
CA PHE A 194 -9.52 0.05 -9.09
C PHE A 194 -8.06 0.34 -9.44
N LEU A 195 -7.28 -0.71 -9.61
CA LEU A 195 -5.81 -0.55 -9.86
C LEU A 195 -5.63 0.28 -11.15
N PHE A 196 -6.42 0.00 -12.18
CA PHE A 196 -6.27 0.71 -13.48
C PHE A 196 -6.75 2.16 -13.34
N LYS A 197 -7.70 2.44 -12.43
CA LYS A 197 -8.11 3.85 -12.14
C LYS A 197 -6.94 4.58 -11.50
N VAL A 198 -6.23 3.91 -10.56
CA VAL A 198 -5.06 4.59 -9.91
C VAL A 198 -4.01 4.87 -11.03
N ARG A 199 -3.72 3.90 -11.86
CA ARG A 199 -2.69 4.06 -12.94
C ARG A 199 -3.09 5.25 -13.85
N GLU A 200 -4.36 5.29 -14.25
CA GLU A 200 -4.86 6.33 -15.21
C GLU A 200 -4.62 7.72 -14.67
N SER A 201 -4.60 7.86 -13.34
CA SER A 201 -4.51 9.16 -12.67
C SER A 201 -3.13 9.79 -12.81
N GLY A 202 -2.09 9.00 -13.13
CA GLY A 202 -0.69 9.48 -13.08
C GLY A 202 -0.03 9.28 -11.73
N SER A 203 -0.76 8.81 -10.71
CA SER A 203 -0.21 8.68 -9.32
C SER A 203 0.99 7.71 -9.27
N LEU A 204 1.07 6.73 -10.17
CA LEU A 204 2.12 5.64 -10.13
C LEU A 204 3.29 5.97 -11.05
N SER A 205 3.25 7.14 -11.67
CA SER A 205 4.17 7.51 -12.77
C SER A 205 5.41 8.22 -12.24
N PRO A 206 6.56 8.10 -12.96
CA PRO A 206 7.85 8.59 -12.45
C PRO A 206 7.97 10.11 -12.34
N GLU A 207 7.05 10.86 -12.92
CA GLU A 207 7.07 12.33 -12.74
C GLU A 207 6.61 12.76 -11.32
N HIS A 208 6.10 11.87 -10.49
CA HIS A 208 5.74 12.19 -9.08
C HIS A 208 6.62 11.34 -8.14
N GLY A 209 6.70 11.72 -6.88
CA GLY A 209 7.08 10.85 -5.77
C GLY A 209 6.25 9.57 -5.71
N PRO A 210 6.72 8.55 -4.94
CA PRO A 210 6.04 7.27 -4.86
C PRO A 210 4.63 7.43 -4.28
N VAL A 211 3.71 6.65 -4.80
CA VAL A 211 2.34 6.48 -4.25
C VAL A 211 2.48 6.00 -2.78
N VAL A 212 1.63 6.54 -1.89
CA VAL A 212 1.49 6.02 -0.50
C VAL A 212 0.37 5.01 -0.45
N VAL A 213 0.65 3.74 -0.08
CA VAL A 213 -0.39 2.69 0.03
C VAL A 213 -0.52 2.18 1.44
N HIS A 214 -1.73 2.02 1.92
CA HIS A 214 -1.98 1.49 3.29
C HIS A 214 -3.28 0.70 3.41
N CYS A 215 -3.30 -0.16 4.42
CA CYS A 215 -4.48 -0.86 4.95
C CYS A 215 -4.42 -0.68 6.46
N SER A 216 -4.69 -1.66 7.30
CA SER A 216 -4.48 -1.40 8.75
C SER A 216 -2.99 -1.58 9.12
N ALA A 217 -2.38 -2.73 8.85
CA ALA A 217 -0.93 -2.96 9.16
C ALA A 217 -0.02 -2.49 8.02
N GLY A 218 -0.53 -2.37 6.80
CA GLY A 218 0.31 -1.98 5.64
C GLY A 218 1.15 -3.14 5.07
N ILE A 219 0.67 -4.38 5.13
CA ILE A 219 1.40 -5.57 4.61
C ILE A 219 0.51 -6.54 3.87
N GLY A 220 -0.78 -6.66 4.20
CA GLY A 220 -1.66 -7.68 3.61
C GLY A 220 -2.31 -7.26 2.30
N ARG A 221 -3.46 -6.56 2.40
CA ARG A 221 -4.08 -5.91 1.21
C ARG A 221 -3.07 -5.00 0.49
N SER A 222 -2.28 -4.21 1.22
CA SER A 222 -1.26 -3.32 0.64
C SER A 222 -0.24 -4.12 -0.20
N GLY A 223 0.17 -5.29 0.31
CA GLY A 223 1.05 -6.22 -0.42
C GLY A 223 0.45 -6.72 -1.71
N THR A 224 -0.83 -7.05 -1.67
CA THR A 224 -1.57 -7.55 -2.84
C THR A 224 -1.56 -6.48 -3.96
N PHE A 225 -1.84 -5.22 -3.61
CA PHE A 225 -1.91 -4.09 -4.56
C PHE A 225 -0.56 -3.96 -5.32
N CYS A 226 0.57 -3.84 -4.61
CA CYS A 226 1.87 -3.61 -5.29
C CYS A 226 2.36 -4.86 -6.02
N LEU A 227 2.14 -6.06 -5.49
CA LEU A 227 2.54 -7.33 -6.16
C LEU A 227 1.82 -7.45 -7.52
N ALA A 228 0.50 -7.22 -7.55
CA ALA A 228 -0.28 -7.33 -8.80
C ALA A 228 0.23 -6.29 -9.81
N ASP A 229 0.36 -5.04 -9.39
CA ASP A 229 0.80 -3.95 -10.27
C ASP A 229 2.17 -4.30 -10.92
N THR A 230 3.18 -4.65 -10.10
CA THR A 230 4.56 -4.93 -10.56
C THR A 230 4.53 -6.14 -11.48
N CYS A 231 3.79 -7.20 -11.15
CA CYS A 231 3.73 -8.42 -11.98
C CYS A 231 3.17 -8.09 -13.40
N LEU A 232 2.07 -7.33 -13.47
CA LEU A 232 1.46 -6.93 -14.76
C LEU A 232 2.42 -6.03 -15.55
N LEU A 233 3.18 -5.14 -14.90
CA LEU A 233 4.12 -4.25 -15.62
C LEU A 233 5.22 -5.11 -16.26
N LEU A 234 5.69 -6.12 -15.52
CA LEU A 234 6.81 -7.02 -15.93
C LEU A 234 6.36 -7.90 -17.11
N MET A 235 5.16 -8.45 -17.04
CA MET A 235 4.59 -9.31 -18.12
C MET A 235 4.62 -8.54 -19.45
N ASP A 236 4.88 -7.22 -19.40
CA ASP A 236 4.89 -6.31 -20.58
C ASP A 236 6.33 -5.91 -20.96
N LYS A 237 7.31 -6.02 -20.05
CA LYS A 237 8.72 -5.64 -20.32
C LYS A 237 9.49 -6.85 -20.86
N ARG A 238 8.90 -8.05 -20.81
CA ARG A 238 9.64 -9.32 -21.07
C ARG A 238 9.19 -9.93 -22.41
N LYS A 239 10.15 -10.45 -23.18
CA LYS A 239 9.92 -11.11 -24.48
C LYS A 239 8.99 -12.31 -24.26
N ASP A 240 8.97 -12.81 -23.02
CA ASP A 240 8.22 -14.03 -22.63
C ASP A 240 7.46 -13.73 -21.34
N PRO A 241 6.24 -13.15 -21.41
CA PRO A 241 5.50 -12.81 -20.20
C PRO A 241 5.46 -14.01 -19.25
N SER A 242 5.55 -15.22 -19.79
CA SER A 242 5.45 -16.48 -19.01
C SER A 242 6.63 -16.60 -18.05
N SER A 243 7.73 -15.84 -18.24
CA SER A 243 8.92 -15.83 -17.34
C SER A 243 8.64 -15.08 -16.01
N VAL A 244 7.41 -14.60 -15.80
CA VAL A 244 7.16 -13.74 -14.60
C VAL A 244 6.81 -14.71 -13.48
N ASP A 245 7.62 -14.75 -12.44
CA ASP A 245 7.45 -15.71 -11.33
C ASP A 245 6.96 -14.91 -10.10
N ILE A 246 5.67 -15.02 -9.79
CA ILE A 246 5.02 -14.16 -8.75
C ILE A 246 5.66 -14.42 -7.39
N LYS A 247 6.06 -15.67 -7.13
CA LYS A 247 6.75 -16.01 -5.85
C LYS A 247 8.10 -15.31 -5.77
N LYS A 248 8.86 -15.23 -6.87
CA LYS A 248 10.15 -14.51 -6.88
C LYS A 248 9.93 -13.00 -6.77
N VAL A 249 8.87 -12.47 -7.38
CA VAL A 249 8.61 -11.00 -7.21
C VAL A 249 8.30 -10.70 -5.73
N LEU A 250 7.45 -11.51 -5.11
CA LEU A 250 7.05 -11.32 -3.68
C LEU A 250 8.29 -11.39 -2.79
N LEU A 251 9.19 -12.38 -3.00
CA LEU A 251 10.41 -12.41 -2.15
C LEU A 251 11.30 -11.18 -2.36
N GLU A 252 11.42 -10.68 -3.58
CA GLU A 252 12.14 -9.42 -3.84
C GLU A 252 11.49 -8.30 -3.02
N MET A 253 10.17 -8.18 -3.08
CA MET A 253 9.45 -7.07 -2.36
C MET A 253 9.64 -7.22 -0.84
N ARG A 254 9.69 -8.46 -0.34
CA ARG A 254 9.92 -8.73 1.11
C ARG A 254 11.35 -8.41 1.53
N LYS A 255 12.24 -8.07 0.60
CA LYS A 255 13.54 -7.51 1.04
C LYS A 255 13.34 -6.10 1.62
N PHE A 256 12.22 -5.41 1.27
CA PHE A 256 12.02 -4.00 1.65
C PHE A 256 11.00 -3.77 2.79
N ARG A 257 10.00 -4.63 2.93
CA ARG A 257 9.08 -4.61 4.09
C ARG A 257 8.72 -6.03 4.44
N MET A 258 8.70 -6.36 5.75
CA MET A 258 8.38 -7.68 6.28
C MET A 258 6.89 -8.01 6.06
N GLY A 259 6.62 -9.28 5.81
CA GLY A 259 5.26 -9.85 6.01
C GLY A 259 4.27 -9.60 4.88
N LEU A 260 4.71 -9.07 3.72
CA LEU A 260 3.81 -8.73 2.60
C LEU A 260 3.08 -9.98 2.15
N ILE A 261 1.74 -9.91 2.08
CA ILE A 261 0.81 -11.05 1.90
C ILE A 261 0.73 -11.83 3.22
N GLN A 262 -0.40 -11.72 3.91
CA GLN A 262 -0.53 -12.20 5.33
C GLN A 262 -1.11 -13.62 5.42
N THR A 263 -1.76 -14.13 4.38
CA THR A 263 -2.44 -15.43 4.40
C THR A 263 -2.25 -16.13 3.05
N ALA A 264 -2.48 -17.46 3.05
CA ALA A 264 -2.51 -18.31 1.83
C ALA A 264 -3.66 -17.89 0.91
N ASP A 265 -4.79 -17.42 1.46
CA ASP A 265 -5.90 -16.91 0.63
C ASP A 265 -5.52 -15.61 -0.10
N GLN A 266 -4.76 -14.71 0.52
CA GLN A 266 -4.26 -13.46 -0.12
C GLN A 266 -3.27 -13.85 -1.24
N LEU A 267 -2.44 -14.88 -1.03
CA LEU A 267 -1.50 -15.36 -2.08
C LEU A 267 -2.29 -15.85 -3.28
N ARG A 268 -3.29 -16.70 -3.05
CA ARG A 268 -4.15 -17.25 -4.14
C ARG A 268 -4.86 -16.12 -4.88
N PHE A 269 -5.44 -15.17 -4.13
CA PHE A 269 -6.13 -14.00 -4.75
C PHE A 269 -5.15 -13.21 -5.65
N SER A 270 -3.89 -13.04 -5.21
CA SER A 270 -2.83 -12.31 -5.98
C SER A 270 -2.61 -13.03 -7.32
N TYR A 271 -2.48 -14.35 -7.30
CA TYR A 271 -2.37 -15.15 -8.56
C TYR A 271 -3.57 -14.87 -9.47
N LEU A 272 -4.79 -14.98 -8.92
CA LEU A 272 -6.04 -14.75 -9.69
C LEU A 272 -6.05 -13.39 -10.32
N ALA A 273 -5.70 -12.34 -9.56
CA ALA A 273 -5.72 -10.96 -10.06
C ALA A 273 -4.75 -10.84 -11.24
N VAL A 274 -3.54 -11.39 -11.12
CA VAL A 274 -2.50 -11.22 -12.17
C VAL A 274 -2.93 -12.03 -13.41
N ILE A 275 -3.42 -13.26 -13.21
CA ILE A 275 -3.89 -14.12 -14.34
C ILE A 275 -4.99 -13.38 -15.11
N GLU A 276 -5.94 -12.78 -14.40
CA GLU A 276 -7.09 -12.14 -15.05
C GLU A 276 -6.65 -10.82 -15.68
N GLY A 277 -5.85 -10.03 -14.98
CA GLY A 277 -5.40 -8.73 -15.54
C GLY A 277 -4.57 -8.89 -16.79
N ALA A 278 -3.77 -9.97 -16.88
CA ALA A 278 -2.87 -10.22 -18.04
C ALA A 278 -3.73 -10.31 -19.33
N LYS A 279 -4.98 -10.75 -19.22
CA LYS A 279 -5.90 -10.91 -20.37
C LYS A 279 -6.28 -9.55 -20.99
N PHE A 280 -6.04 -8.44 -20.27
CA PHE A 280 -6.26 -7.06 -20.80
C PHE A 280 -4.91 -6.42 -21.15
N ILE A 281 -3.85 -6.74 -20.40
CA ILE A 281 -2.45 -6.27 -20.67
C ILE A 281 -2.01 -6.83 -22.02
C TRS B . 19.34 1.05 0.35
C1 TRS B . 18.42 -0.08 0.84
C2 TRS B . 20.02 0.75 -0.99
C3 TRS B . 20.41 1.29 1.40
N TRS B . 18.58 2.36 0.27
O1 TRS B . 17.04 0.16 0.51
O2 TRS B . 19.56 -0.45 -1.60
O3 TRS B . 19.84 1.54 2.72
H11 TRS B . 18.51 -0.18 1.81
H12 TRS B . 18.70 -0.93 0.43
H21 TRS B . 20.99 0.71 -0.86
H22 TRS B . 19.83 1.49 -1.60
H31 TRS B . 20.95 2.06 1.12
H32 TRS B . 20.99 0.52 1.44
HN1 TRS B . 19.09 3.07 0.53
HN2 TRS B . 17.84 2.33 0.80
HN3 TRS B . 18.30 2.52 -0.58
HO1 TRS B . 16.37 -0.58 0.82
HO2 TRS B . 19.04 -0.53 -2.39
HO3 TRS B . 19.16 2.04 2.65
N1 GVY C . 2.05 -11.35 -25.81
N3 GVY C . 0.13 -14.09 -27.23
C4 GVY C . 0.16 -6.63 -25.87
C5 GVY C . 0.14 -8.01 -26.23
C6 GVY C . 1.13 -8.95 -25.76
C7 GVY C . 1.13 -10.39 -26.09
C8 GVY C . 0.62 -12.88 -26.77
C1 GVY C . 2.12 -8.40 -24.87
C2 GVY C . 2.15 -7.01 -24.50
C3 GVY C . 1.17 -6.15 -24.99
N2 GVY C . 1.83 -12.64 -26.16
S1 GVY C . -0.28 -11.30 -26.89
O1 GVY C . 1.17 -4.84 -24.64
H1 GVY C . -0.82 -14.29 -27.42
H2 GVY C . 0.71 -14.90 -27.40
H3 GVY C . -0.59 -6.01 -26.26
H4 GVY C . -0.63 -8.36 -26.89
H5 GVY C . 2.89 -9.05 -24.48
H6 GVY C . 2.92 -6.69 -23.84
H7 GVY C . 2.06 -4.46 -24.55
#